data_1ZAF
#
_entry.id   1ZAF
#
_cell.length_a   52.281
_cell.length_b   89.213
_cell.length_c   99.334
_cell.angle_alpha   90.00
_cell.angle_beta   90.00
_cell.angle_gamma   90.00
#
_symmetry.space_group_name_H-M   'P 21 21 21'
#
loop_
_entity.id
_entity.type
_entity.pdbx_description
1 polymer 'Estrogen receptor beta'
2 polymer 'Nuclear receptor coactivator 1'
3 non-polymer 3-BROMO-6-HYDROXY-2-(4-HYDROXYPHENYL)-1H-INDEN-1-ONE
4 water water
#
loop_
_entity_poly.entity_id
_entity_poly.type
_entity_poly.pdbx_seq_one_letter_code
_entity_poly.pdbx_strand_id
1 'polypeptide(L)'
;LSPEQLVLTLLEAEPPHVLISRPSAPFTEASMMMSLTKLADKELVHMISWAKKIPGFVELSLFDQVRLLESCWMEVLMMG
LMWRSIDHPGKLIFAPDLVLDRDEGKCVEGILEIFDMLLATTSRFRELKLQHKEYLCVKAMILLNSAMYPLVTATQDADS
SRKLAHLLNAVTDALVWVIAKSGISSQQQSMRLANLLMLLSHVRHASNKGMEHLLNMKCKNVVPVYDLLLEMLNAHVL
;
A,B
2 'polypeptide(L)' SGSHKLVQLLTTT C,D
#
# COMPACT_ATOMS: atom_id res chain seq x y z
N LEU A 1 9.40 -21.09 -19.39
CA LEU A 1 7.99 -20.68 -19.66
C LEU A 1 7.96 -19.22 -20.08
N SER A 2 7.51 -18.96 -21.30
CA SER A 2 7.44 -17.59 -21.82
C SER A 2 6.37 -16.79 -21.08
N PRO A 3 6.52 -15.45 -21.08
CA PRO A 3 5.56 -14.59 -20.40
C PRO A 3 4.15 -14.97 -20.80
N GLU A 4 3.97 -15.20 -22.09
CA GLU A 4 2.67 -15.55 -22.63
C GLU A 4 2.05 -16.78 -22.00
N GLN A 5 2.80 -17.87 -21.88
CA GLN A 5 2.24 -19.08 -21.30
C GLN A 5 2.11 -18.98 -19.79
N LEU A 6 2.90 -18.12 -19.17
CA LEU A 6 2.76 -17.94 -17.73
C LEU A 6 1.42 -17.23 -17.53
N VAL A 7 1.09 -16.31 -18.43
CA VAL A 7 -0.18 -15.61 -18.30
C VAL A 7 -1.33 -16.60 -18.56
N LEU A 8 -1.14 -17.53 -19.51
CA LEU A 8 -2.15 -18.53 -19.78
C LEU A 8 -2.38 -19.37 -18.52
N THR A 9 -1.31 -19.69 -17.80
CA THR A 9 -1.48 -20.49 -16.59
C THR A 9 -2.24 -19.71 -15.51
N LEU A 10 -2.14 -18.38 -15.54
CA LEU A 10 -2.88 -17.56 -14.58
C LEU A 10 -4.36 -17.55 -14.94
N LEU A 11 -4.65 -17.44 -16.24
CA LEU A 11 -6.03 -17.46 -16.70
C LEU A 11 -6.66 -18.78 -16.27
N GLU A 12 -5.88 -19.85 -16.36
CA GLU A 12 -6.37 -21.18 -15.98
C GLU A 12 -6.54 -21.37 -14.49
N ALA A 13 -5.90 -20.49 -13.71
CA ALA A 13 -6.00 -20.58 -12.26
C ALA A 13 -7.22 -19.80 -11.76
N GLU A 14 -7.75 -18.92 -12.59
CA GLU A 14 -8.90 -18.11 -12.22
C GLU A 14 -9.96 -18.90 -11.47
N PRO A 15 -10.45 -18.37 -10.34
CA PRO A 15 -11.47 -19.08 -9.57
C PRO A 15 -12.82 -18.94 -10.28
N PRO A 16 -13.75 -19.85 -10.02
CA PRO A 16 -15.06 -19.75 -10.67
C PRO A 16 -15.86 -18.57 -10.13
N HIS A 17 -16.88 -18.15 -10.88
CA HIS A 17 -17.71 -17.04 -10.44
C HIS A 17 -18.51 -17.55 -9.26
N VAL A 18 -18.65 -16.73 -8.22
CA VAL A 18 -19.37 -17.12 -7.02
C VAL A 18 -20.61 -16.28 -6.77
N LEU A 19 -21.70 -16.94 -6.41
CA LEU A 19 -22.95 -16.26 -6.11
C LEU A 19 -23.33 -16.50 -4.66
N ILE A 20 -24.15 -15.62 -4.10
CA ILE A 20 -24.56 -15.69 -2.69
C ILE A 20 -26.03 -16.13 -2.51
N SER A 21 -26.66 -16.62 -3.58
CA SER A 21 -28.08 -17.01 -3.58
C SER A 21 -29.14 -16.02 -3.11
N ARG A 22 -29.59 -15.17 -4.02
CA ARG A 22 -30.61 -14.16 -3.77
C ARG A 22 -30.22 -13.10 -2.72
N PRO A 23 -30.05 -11.85 -3.16
CA PRO A 23 -29.70 -10.71 -2.29
C PRO A 23 -30.93 -10.18 -1.58
N SER A 24 -31.94 -11.04 -1.49
CA SER A 24 -33.24 -10.75 -0.87
C SER A 24 -33.19 -9.79 0.32
N ALA A 25 -34.36 -9.24 0.64
CA ALA A 25 -34.50 -8.28 1.74
C ALA A 25 -33.80 -6.98 1.36
N PRO A 26 -34.59 -5.92 1.08
CA PRO A 26 -33.85 -4.85 0.62
C PRO A 26 -32.77 -4.93 1.59
N PHE A 27 -31.64 -4.33 1.21
CA PHE A 27 -30.46 -4.56 1.97
C PHE A 27 -30.63 -3.71 3.17
N THR A 28 -30.36 -4.39 4.31
CA THR A 28 -30.49 -3.68 5.57
C THR A 28 -29.05 -3.76 6.08
N GLU A 29 -28.80 -3.39 7.34
CA GLU A 29 -27.42 -3.44 7.86
C GLU A 29 -26.95 -4.87 8.15
N ALA A 30 -27.80 -5.65 8.79
CA ALA A 30 -27.45 -7.02 9.14
C ALA A 30 -27.30 -7.91 7.91
N SER A 31 -28.26 -7.83 7.00
CA SER A 31 -28.22 -8.64 5.78
C SER A 31 -27.09 -8.26 4.85
N MET A 32 -26.68 -7.00 4.85
CA MET A 32 -25.58 -6.60 3.97
C MET A 32 -24.31 -7.25 4.44
N MET A 33 -23.94 -7.02 5.70
CA MET A 33 -22.71 -7.60 6.24
C MET A 33 -22.72 -9.12 6.20
N MET A 34 -23.85 -9.73 6.52
CA MET A 34 -23.90 -11.18 6.48
C MET A 34 -23.65 -11.63 5.05
N SER A 35 -24.14 -10.86 4.08
CA SER A 35 -23.94 -11.20 2.67
C SER A 35 -22.47 -11.07 2.26
N LEU A 36 -21.86 -9.96 2.66
CA LEU A 36 -20.45 -9.69 2.34
C LEU A 36 -19.51 -10.75 2.94
N THR A 37 -19.70 -11.08 4.22
CA THR A 37 -18.86 -12.07 4.87
C THR A 37 -19.13 -13.48 4.33
N LYS A 38 -20.38 -13.78 4.01
CA LYS A 38 -20.73 -15.09 3.47
C LYS A 38 -19.99 -15.29 2.15
N LEU A 39 -19.99 -14.25 1.31
CA LEU A 39 -19.31 -14.27 0.03
C LEU A 39 -17.79 -14.34 0.21
N ALA A 40 -17.25 -13.53 1.11
CA ALA A 40 -15.82 -13.54 1.34
C ALA A 40 -15.37 -14.95 1.68
N ASP A 41 -16.14 -15.61 2.54
CA ASP A 41 -15.81 -16.95 2.98
C ASP A 41 -15.78 -17.93 1.81
N LYS A 42 -16.77 -17.87 0.95
CA LYS A 42 -16.81 -18.77 -0.21
C LYS A 42 -15.63 -18.47 -1.12
N GLU A 43 -15.34 -17.18 -1.32
CA GLU A 43 -14.23 -16.79 -2.18
C GLU A 43 -12.87 -17.23 -1.66
N LEU A 44 -12.68 -17.18 -0.34
CA LEU A 44 -11.43 -17.58 0.29
C LEU A 44 -11.09 -19.03 -0.02
N VAL A 45 -12.11 -19.87 -0.08
CA VAL A 45 -11.90 -21.28 -0.40
C VAL A 45 -11.37 -21.39 -1.80
N HIS A 46 -11.97 -20.64 -2.73
CA HIS A 46 -11.55 -20.64 -4.12
C HIS A 46 -10.20 -19.98 -4.29
N MET A 47 -9.89 -19.03 -3.41
CA MET A 47 -8.61 -18.33 -3.48
C MET A 47 -7.47 -19.30 -3.19
N ILE A 48 -7.68 -20.22 -2.26
CA ILE A 48 -6.64 -21.20 -1.94
C ILE A 48 -6.32 -22.05 -3.15
N SER A 49 -7.35 -22.53 -3.86
CA SER A 49 -7.15 -23.35 -5.05
C SER A 49 -6.43 -22.53 -6.12
N TRP A 50 -6.78 -21.26 -6.23
CA TRP A 50 -6.17 -20.37 -7.22
C TRP A 50 -4.67 -20.22 -6.99
N ALA A 51 -4.28 -19.98 -5.73
CA ALA A 51 -2.88 -19.81 -5.37
C ALA A 51 -2.07 -21.04 -5.74
N LYS A 52 -2.61 -22.22 -5.42
CA LYS A 52 -1.95 -23.48 -5.73
C LYS A 52 -1.78 -23.74 -7.22
N LYS A 53 -2.61 -23.08 -8.04
CA LYS A 53 -2.53 -23.27 -9.49
C LYS A 53 -1.49 -22.37 -10.14
N ILE A 54 -0.90 -21.48 -9.35
CA ILE A 54 0.13 -20.60 -9.89
C ILE A 54 1.43 -21.39 -9.83
N PRO A 55 2.09 -21.57 -10.99
CA PRO A 55 3.35 -22.32 -11.09
C PRO A 55 4.39 -21.94 -10.03
N GLY A 56 4.79 -22.93 -9.25
CA GLY A 56 5.78 -22.70 -8.20
C GLY A 56 5.25 -22.35 -6.82
N PHE A 57 3.98 -21.97 -6.70
CA PHE A 57 3.45 -21.61 -5.40
C PHE A 57 3.49 -22.75 -4.38
N VAL A 58 3.05 -23.93 -4.79
CA VAL A 58 3.05 -25.08 -3.91
C VAL A 58 4.47 -25.57 -3.61
N GLU A 59 5.45 -25.03 -4.34
CA GLU A 59 6.85 -25.37 -4.16
C GLU A 59 7.43 -24.57 -3.01
N LEU A 60 6.76 -23.49 -2.63
CA LEU A 60 7.23 -22.68 -1.52
C LEU A 60 7.03 -23.50 -0.24
N SER A 61 7.75 -23.15 0.82
CA SER A 61 7.58 -23.90 2.07
C SER A 61 6.14 -23.69 2.53
N LEU A 62 5.62 -24.62 3.32
CA LEU A 62 4.25 -24.49 3.80
C LEU A 62 4.13 -23.21 4.62
N PHE A 63 5.20 -22.87 5.33
CA PHE A 63 5.20 -21.67 6.13
C PHE A 63 4.99 -20.43 5.26
N ASP A 64 5.66 -20.39 4.11
CA ASP A 64 5.51 -19.24 3.23
C ASP A 64 4.14 -19.14 2.57
N GLN A 65 3.61 -20.28 2.11
CA GLN A 65 2.31 -20.29 1.47
C GLN A 65 1.25 -19.72 2.40
N VAL A 66 1.35 -20.09 3.68
CA VAL A 66 0.40 -19.63 4.67
C VAL A 66 0.53 -18.14 4.95
N ARG A 67 1.76 -17.68 5.21
CA ARG A 67 1.96 -16.27 5.50
C ARG A 67 1.60 -15.37 4.32
N LEU A 68 1.82 -15.82 3.09
CA LEU A 68 1.49 -14.99 1.94
C LEU A 68 -0.02 -14.81 1.78
N LEU A 69 -0.75 -15.91 1.95
CA LEU A 69 -2.19 -15.83 1.82
C LEU A 69 -2.84 -15.11 3.01
N GLU A 70 -2.28 -15.27 4.21
CA GLU A 70 -2.86 -14.63 5.38
C GLU A 70 -2.75 -13.11 5.32
N SER A 71 -1.72 -12.60 4.65
CA SER A 71 -1.55 -11.17 4.57
C SER A 71 -2.25 -10.49 3.39
N CYS A 72 -2.35 -11.18 2.27
CA CYS A 72 -2.94 -10.60 1.07
C CYS A 72 -4.41 -10.89 0.76
N TRP A 73 -5.04 -11.82 1.49
CA TRP A 73 -6.41 -12.20 1.14
C TRP A 73 -7.44 -11.10 0.93
N MET A 74 -7.48 -10.09 1.79
CA MET A 74 -8.46 -9.03 1.60
C MET A 74 -8.13 -8.23 0.35
N GLU A 75 -6.85 -7.95 0.12
CA GLU A 75 -6.42 -7.21 -1.07
C GLU A 75 -6.84 -7.95 -2.34
N VAL A 76 -6.59 -9.26 -2.36
CA VAL A 76 -6.93 -10.08 -3.51
C VAL A 76 -8.45 -10.08 -3.68
N LEU A 77 -9.19 -10.19 -2.59
CA LEU A 77 -10.64 -10.16 -2.69
C LEU A 77 -11.09 -8.83 -3.32
N MET A 78 -10.52 -7.74 -2.85
CA MET A 78 -10.87 -6.43 -3.37
C MET A 78 -10.41 -6.22 -4.81
N MET A 79 -9.25 -6.76 -5.18
CA MET A 79 -8.77 -6.63 -6.55
C MET A 79 -9.77 -7.32 -7.46
N GLY A 80 -10.33 -8.42 -6.98
CA GLY A 80 -11.30 -9.16 -7.77
C GLY A 80 -12.58 -8.35 -7.90
N LEU A 81 -12.97 -7.69 -6.81
CA LEU A 81 -14.17 -6.86 -6.80
C LEU A 81 -14.07 -5.74 -7.83
N MET A 82 -12.88 -5.13 -7.92
CA MET A 82 -12.70 -4.04 -8.85
C MET A 82 -12.75 -4.49 -10.31
N TRP A 83 -12.13 -5.62 -10.62
CA TRP A 83 -12.17 -6.09 -12.00
C TRP A 83 -13.60 -6.37 -12.44
N ARG A 84 -14.43 -6.88 -11.53
CA ARG A 84 -15.83 -7.17 -11.85
C ARG A 84 -16.68 -5.92 -11.95
N SER A 85 -16.22 -4.85 -11.31
CA SER A 85 -16.97 -3.59 -11.29
C SER A 85 -16.48 -2.58 -12.30
N ILE A 86 -15.40 -2.91 -13.01
CA ILE A 86 -14.81 -1.99 -13.96
C ILE A 86 -15.77 -1.47 -15.03
N ASP A 87 -16.74 -2.29 -15.44
CA ASP A 87 -17.69 -1.85 -16.46
C ASP A 87 -19.04 -1.41 -15.91
N HIS A 88 -19.10 -1.06 -14.63
CA HIS A 88 -20.33 -0.62 -14.06
C HIS A 88 -20.07 0.54 -13.10
N PRO A 89 -19.84 1.70 -13.73
CA PRO A 89 -19.64 2.88 -12.91
C PRO A 89 -20.64 3.15 -11.77
N GLY A 90 -20.14 3.46 -10.57
CA GLY A 90 -21.02 3.72 -9.46
C GLY A 90 -21.47 2.46 -8.75
N LYS A 91 -21.03 1.31 -9.24
CA LYS A 91 -21.42 0.05 -8.63
C LYS A 91 -20.27 -0.88 -8.28
N LEU A 92 -20.49 -1.64 -7.22
CA LEU A 92 -19.52 -2.62 -6.75
C LEU A 92 -20.20 -3.95 -6.98
N ILE A 93 -19.69 -4.70 -7.94
CA ILE A 93 -20.28 -5.99 -8.26
C ILE A 93 -19.67 -7.09 -7.43
N PHE A 94 -20.08 -7.20 -6.18
CA PHE A 94 -19.57 -8.25 -5.31
C PHE A 94 -19.94 -9.60 -5.89
N ALA A 95 -21.10 -9.66 -6.52
CA ALA A 95 -21.59 -10.87 -7.14
C ALA A 95 -22.85 -10.53 -7.91
N PRO A 96 -23.25 -11.38 -8.87
CA PRO A 96 -24.46 -11.11 -9.65
C PRO A 96 -25.67 -10.79 -8.76
N ASP A 97 -25.76 -11.49 -7.63
CA ASP A 97 -26.86 -11.26 -6.71
C ASP A 97 -26.40 -10.51 -5.47
N LEU A 98 -25.43 -9.62 -5.65
CA LEU A 98 -24.89 -8.79 -4.64
C LEU A 98 -24.25 -7.65 -5.36
N VAL A 99 -25.05 -6.62 -5.60
CA VAL A 99 -24.60 -5.44 -6.24
C VAL A 99 -24.99 -4.33 -5.32
N LEU A 100 -23.98 -3.57 -4.89
CA LEU A 100 -24.22 -2.53 -3.90
C LEU A 100 -24.00 -1.10 -4.35
N ASP A 101 -24.86 -0.24 -3.83
CA ASP A 101 -24.88 1.18 -4.12
C ASP A 101 -24.15 1.94 -2.99
N ARG A 102 -23.54 3.07 -3.32
CA ARG A 102 -22.82 3.85 -2.32
C ARG A 102 -23.80 4.26 -1.23
N ASP A 103 -25.04 4.51 -1.64
CA ASP A 103 -26.10 4.90 -0.73
C ASP A 103 -26.45 3.76 0.21
N GLU A 104 -26.34 2.54 -0.29
CA GLU A 104 -26.65 1.36 0.50
C GLU A 104 -25.53 1.09 1.48
N GLY A 105 -24.37 1.71 1.24
CA GLY A 105 -23.24 1.54 2.13
C GLY A 105 -23.37 2.50 3.29
N LYS A 106 -24.35 3.41 3.19
CA LYS A 106 -24.60 4.39 4.24
C LYS A 106 -25.19 3.65 5.43
N CYS A 107 -25.93 2.58 5.14
CA CYS A 107 -26.56 1.78 6.18
C CYS A 107 -25.57 1.42 7.28
N VAL A 108 -24.42 0.86 6.88
CA VAL A 108 -23.43 0.44 7.85
C VAL A 108 -22.38 1.51 8.13
N GLU A 109 -22.24 1.84 9.40
CA GLU A 109 -21.27 2.83 9.84
C GLU A 109 -19.86 2.41 9.47
N GLY A 110 -19.12 3.32 8.84
CA GLY A 110 -17.75 2.99 8.46
C GLY A 110 -17.57 2.34 7.11
N ILE A 111 -18.66 1.87 6.51
CA ILE A 111 -18.58 1.21 5.21
C ILE A 111 -18.50 2.18 4.03
N LEU A 112 -19.16 3.32 4.14
CA LEU A 112 -19.15 4.30 3.07
C LEU A 112 -17.69 4.69 2.76
N GLU A 113 -16.88 4.79 3.81
CA GLU A 113 -15.48 5.16 3.63
C GLU A 113 -14.80 4.09 2.78
N ILE A 114 -15.08 2.82 3.07
CA ILE A 114 -14.49 1.71 2.33
C ILE A 114 -14.97 1.65 0.88
N PHE A 115 -16.28 1.79 0.69
CA PHE A 115 -16.88 1.74 -0.63
C PHE A 115 -16.36 2.84 -1.53
N ASP A 116 -16.25 4.04 -0.99
CA ASP A 116 -15.71 5.15 -1.77
C ASP A 116 -14.29 4.86 -2.18
N MET A 117 -13.50 4.29 -1.28
CA MET A 117 -12.13 3.95 -1.61
C MET A 117 -12.14 2.99 -2.79
N LEU A 118 -12.95 1.94 -2.68
CA LEU A 118 -13.07 0.92 -3.71
C LEU A 118 -13.59 1.45 -5.03
N LEU A 119 -14.62 2.30 -4.96
CA LEU A 119 -15.19 2.87 -6.18
C LEU A 119 -14.20 3.79 -6.89
N ALA A 120 -13.41 4.52 -6.11
CA ALA A 120 -12.43 5.43 -6.68
C ALA A 120 -11.28 4.67 -7.35
N THR A 121 -10.85 3.58 -6.73
CA THR A 121 -9.76 2.82 -7.31
C THR A 121 -10.26 2.10 -8.56
N THR A 122 -11.52 1.65 -8.50
CA THR A 122 -12.12 0.96 -9.63
C THR A 122 -12.25 1.95 -10.77
N SER A 123 -12.66 3.17 -10.42
CA SER A 123 -12.82 4.23 -11.40
C SER A 123 -11.47 4.52 -12.05
N ARG A 124 -10.39 4.40 -11.28
CA ARG A 124 -9.07 4.64 -11.82
C ARG A 124 -8.66 3.56 -12.82
N PHE A 125 -8.92 2.31 -12.49
CA PHE A 125 -8.55 1.22 -13.38
C PHE A 125 -9.37 1.35 -14.65
N ARG A 126 -10.61 1.82 -14.51
CA ARG A 126 -11.49 2.02 -15.65
C ARG A 126 -10.87 3.06 -16.58
N GLU A 127 -10.43 4.20 -16.04
CA GLU A 127 -9.80 5.23 -16.85
C GLU A 127 -8.64 4.64 -17.65
N LEU A 128 -7.79 3.89 -16.95
CA LEU A 128 -6.63 3.26 -17.57
C LEU A 128 -7.03 2.16 -18.54
N LYS A 129 -8.31 1.79 -18.51
CA LYS A 129 -8.80 0.73 -19.38
C LYS A 129 -8.04 -0.57 -19.11
N LEU A 130 -7.94 -0.92 -17.83
CA LEU A 130 -7.27 -2.14 -17.39
C LEU A 130 -7.76 -3.32 -18.20
N GLN A 131 -6.81 -4.10 -18.73
CA GLN A 131 -7.13 -5.27 -19.54
C GLN A 131 -7.21 -6.52 -18.66
N HIS A 132 -7.95 -7.52 -19.12
CA HIS A 132 -8.11 -8.76 -18.37
C HIS A 132 -6.77 -9.43 -18.02
N LYS A 133 -5.84 -9.48 -18.97
CA LYS A 133 -4.54 -10.07 -18.70
C LYS A 133 -3.71 -9.26 -17.72
N GLU A 134 -3.90 -7.96 -17.68
CA GLU A 134 -3.15 -7.14 -16.74
C GLU A 134 -3.69 -7.45 -15.34
N TYR A 135 -5.01 -7.54 -15.25
CA TYR A 135 -5.68 -7.85 -14.01
C TYR A 135 -5.11 -9.14 -13.43
N LEU A 136 -4.95 -10.16 -14.28
CA LEU A 136 -4.41 -11.45 -13.87
C LEU A 136 -3.00 -11.34 -13.28
N CYS A 137 -2.13 -10.61 -13.95
CA CYS A 137 -0.77 -10.44 -13.44
C CYS A 137 -0.80 -9.65 -12.12
N VAL A 138 -1.52 -8.53 -12.11
CA VAL A 138 -1.62 -7.69 -10.93
C VAL A 138 -2.11 -8.47 -9.71
N LYS A 139 -3.18 -9.24 -9.88
CA LYS A 139 -3.70 -10.04 -8.77
C LYS A 139 -2.62 -10.99 -8.28
N ALA A 140 -1.96 -11.67 -9.23
CA ALA A 140 -0.91 -12.62 -8.88
C ALA A 140 0.21 -11.91 -8.13
N MET A 141 0.55 -10.71 -8.60
CA MET A 141 1.63 -9.94 -7.97
C MET A 141 1.26 -9.57 -6.55
N ILE A 142 -0.02 -9.28 -6.30
CA ILE A 142 -0.46 -8.92 -4.96
C ILE A 142 -0.12 -10.05 -3.99
N LEU A 143 -0.47 -11.28 -4.36
CA LEU A 143 -0.18 -12.44 -3.52
C LEU A 143 1.33 -12.64 -3.28
N LEU A 144 2.12 -12.56 -4.33
CA LEU A 144 3.55 -12.79 -4.22
C LEU A 144 4.35 -11.64 -3.60
N ASN A 145 3.83 -10.43 -3.68
CA ASN A 145 4.53 -9.25 -3.15
C ASN A 145 4.02 -8.84 -1.76
N SER A 146 3.22 -9.68 -1.11
CA SER A 146 2.70 -9.35 0.21
C SER A 146 3.64 -9.83 1.31
N ALA A 147 4.93 -9.91 1.00
CA ALA A 147 5.93 -10.36 1.96
C ALA A 147 6.50 -9.23 2.83
N MET A 148 5.75 -8.83 3.86
CA MET A 148 6.25 -7.77 4.74
C MET A 148 7.30 -8.28 5.72
N ASP A 159 16.25 -22.09 0.97
CA ASP A 159 15.81 -22.43 -0.38
C ASP A 159 14.59 -21.63 -0.81
N SER A 160 13.67 -21.49 0.17
CA SER A 160 12.38 -20.93 -0.21
C SER A 160 12.10 -19.39 -0.51
N SER A 161 12.92 -18.60 0.18
CA SER A 161 12.89 -17.16 -0.02
C SER A 161 13.26 -16.80 -1.46
N ARG A 162 14.27 -17.49 -1.97
CA ARG A 162 14.74 -17.26 -3.33
C ARG A 162 13.74 -17.75 -4.37
N LYS A 163 12.94 -18.74 -3.99
CA LYS A 163 11.92 -19.28 -4.88
C LYS A 163 10.84 -18.23 -5.11
N LEU A 164 10.47 -17.52 -4.03
CA LEU A 164 9.44 -16.49 -4.08
C LEU A 164 9.85 -15.32 -4.96
N ALA A 165 11.05 -14.81 -4.75
CA ALA A 165 11.56 -13.71 -5.54
C ALA A 165 11.57 -14.12 -7.00
N HIS A 166 11.93 -15.37 -7.25
CA HIS A 166 11.97 -15.90 -8.60
C HIS A 166 10.60 -15.81 -9.27
N LEU A 167 9.60 -16.34 -8.58
CA LEU A 167 8.22 -16.33 -9.08
C LEU A 167 7.69 -14.91 -9.22
N LEU A 168 8.01 -14.06 -8.25
CA LEU A 168 7.54 -12.68 -8.30
C LEU A 168 8.13 -12.00 -9.52
N ASN A 169 9.39 -12.31 -9.81
CA ASN A 169 10.05 -11.73 -10.98
C ASN A 169 9.36 -12.20 -12.27
N ALA A 170 8.95 -13.47 -12.27
CA ALA A 170 8.29 -14.05 -13.42
C ALA A 170 6.95 -13.38 -13.73
N VAL A 171 6.15 -13.12 -12.69
CA VAL A 171 4.84 -12.48 -12.88
C VAL A 171 5.03 -11.04 -13.32
N THR A 172 6.10 -10.42 -12.82
CA THR A 172 6.39 -9.04 -13.18
C THR A 172 6.81 -8.98 -14.65
N ASP A 173 7.61 -9.96 -15.06
CA ASP A 173 8.06 -10.03 -16.43
C ASP A 173 6.84 -10.25 -17.34
N ALA A 174 5.84 -10.98 -16.84
CA ALA A 174 4.62 -11.25 -17.61
C ALA A 174 3.80 -9.96 -17.82
N LEU A 175 3.67 -9.16 -16.78
CA LEU A 175 2.92 -7.91 -16.88
C LEU A 175 3.60 -6.95 -17.87
N VAL A 176 4.93 -6.82 -17.77
CA VAL A 176 5.67 -5.97 -18.68
C VAL A 176 5.39 -6.44 -20.11
N TRP A 177 5.41 -7.76 -20.32
CA TRP A 177 5.14 -8.33 -21.63
C TRP A 177 3.74 -7.96 -22.11
N VAL A 178 2.74 -8.15 -21.26
CA VAL A 178 1.35 -7.81 -21.64
C VAL A 178 1.24 -6.37 -22.14
N ILE A 179 1.87 -5.44 -21.41
CA ILE A 179 1.82 -4.05 -21.78
C ILE A 179 2.52 -3.80 -23.11
N ALA A 180 3.51 -4.63 -23.41
CA ALA A 180 4.25 -4.49 -24.67
C ALA A 180 3.39 -4.88 -25.88
N LYS A 181 2.48 -5.83 -25.70
CA LYS A 181 1.61 -6.28 -26.79
C LYS A 181 0.56 -5.24 -27.16
N SER A 182 0.29 -4.31 -26.25
CA SER A 182 -0.71 -3.28 -26.53
C SER A 182 -0.19 -2.41 -27.69
N GLY A 183 1.09 -2.56 -27.99
CA GLY A 183 1.69 -1.80 -29.07
C GLY A 183 1.90 -0.31 -28.87
N ILE A 184 1.58 0.23 -27.70
CA ILE A 184 1.75 1.65 -27.47
C ILE A 184 3.21 2.08 -27.38
N SER A 185 3.41 3.39 -27.34
CA SER A 185 4.75 3.97 -27.24
C SER A 185 5.54 3.34 -26.10
N SER A 186 6.86 3.34 -26.23
CA SER A 186 7.71 2.78 -25.19
C SER A 186 7.57 3.63 -23.93
N GLN A 187 7.53 4.95 -24.10
CA GLN A 187 7.40 5.85 -22.97
C GLN A 187 6.03 5.64 -22.33
N GLN A 188 5.03 5.39 -23.15
CA GLN A 188 3.69 5.17 -22.65
C GLN A 188 3.53 3.82 -21.96
N GLN A 189 4.36 2.86 -22.34
CA GLN A 189 4.36 1.53 -21.75
C GLN A 189 4.89 1.63 -20.33
N SER A 190 5.96 2.40 -20.15
CA SER A 190 6.56 2.61 -18.84
C SER A 190 5.56 3.35 -17.95
N MET A 191 4.94 4.38 -18.50
CA MET A 191 3.96 5.18 -17.78
C MET A 191 2.79 4.30 -17.35
N ARG A 192 2.29 3.48 -18.26
CA ARG A 192 1.17 2.59 -17.93
C ARG A 192 1.55 1.64 -16.80
N LEU A 193 2.75 1.07 -16.90
CA LEU A 193 3.24 0.14 -15.88
C LEU A 193 3.23 0.80 -14.51
N ALA A 194 3.84 1.98 -14.43
CA ALA A 194 3.90 2.71 -13.17
C ALA A 194 2.49 3.03 -12.65
N ASN A 195 1.60 3.46 -13.55
CA ASN A 195 0.25 3.79 -13.13
C ASN A 195 -0.46 2.60 -12.53
N LEU A 196 -0.34 1.44 -13.17
CA LEU A 196 -0.98 0.25 -12.64
C LEU A 196 -0.42 -0.11 -11.28
N LEU A 197 0.91 -0.16 -11.16
CA LEU A 197 1.55 -0.53 -9.90
C LEU A 197 1.31 0.43 -8.75
N MET A 198 1.21 1.71 -9.03
CA MET A 198 0.95 2.68 -7.97
C MET A 198 -0.42 2.46 -7.34
N LEU A 199 -1.32 1.78 -8.05
CA LEU A 199 -2.64 1.53 -7.52
C LEU A 199 -2.63 0.41 -6.47
N LEU A 200 -1.57 -0.38 -6.43
CA LEU A 200 -1.49 -1.44 -5.43
C LEU A 200 -1.48 -0.82 -4.03
N SER A 201 -0.98 0.41 -3.93
CA SER A 201 -0.94 1.12 -2.65
C SER A 201 -2.36 1.37 -2.19
N HIS A 202 -3.22 1.69 -3.14
CA HIS A 202 -4.61 1.98 -2.85
C HIS A 202 -5.38 0.73 -2.47
N VAL A 203 -5.03 -0.41 -3.05
CA VAL A 203 -5.68 -1.67 -2.74
C VAL A 203 -5.25 -2.07 -1.32
N ARG A 204 -3.94 -1.98 -1.04
CA ARG A 204 -3.43 -2.33 0.27
C ARG A 204 -4.08 -1.46 1.33
N HIS A 205 -4.31 -0.20 0.99
CA HIS A 205 -4.92 0.74 1.92
C HIS A 205 -6.38 0.42 2.23
N ALA A 206 -7.17 0.21 1.18
CA ALA A 206 -8.58 -0.11 1.35
C ALA A 206 -8.71 -1.45 2.08
N SER A 207 -7.75 -2.34 1.83
CA SER A 207 -7.74 -3.66 2.45
C SER A 207 -7.51 -3.54 3.96
N ASN A 208 -6.61 -2.64 4.36
CA ASN A 208 -6.34 -2.46 5.77
C ASN A 208 -7.58 -1.90 6.47
N LYS A 209 -8.35 -1.10 5.76
CA LYS A 209 -9.57 -0.51 6.33
C LYS A 209 -10.69 -1.53 6.43
N GLY A 210 -10.77 -2.42 5.45
CA GLY A 210 -11.80 -3.44 5.46
C GLY A 210 -11.56 -4.43 6.58
N MET A 211 -10.29 -4.75 6.81
CA MET A 211 -9.90 -5.69 7.85
C MET A 211 -10.26 -5.13 9.22
N GLU A 212 -9.93 -3.86 9.42
CA GLU A 212 -10.20 -3.19 10.68
C GLU A 212 -11.71 -3.16 10.95
N HIS A 213 -12.48 -2.85 9.92
CA HIS A 213 -13.93 -2.79 10.07
C HIS A 213 -14.49 -4.18 10.32
N LEU A 214 -13.93 -5.17 9.65
CA LEU A 214 -14.38 -6.55 9.79
C LEU A 214 -14.07 -7.08 11.18
N LEU A 215 -12.87 -6.78 11.67
CA LEU A 215 -12.47 -7.22 13.00
C LEU A 215 -13.44 -6.67 14.06
N ASN A 216 -13.74 -5.39 13.96
CA ASN A 216 -14.64 -4.75 14.91
C ASN A 216 -15.98 -5.49 14.87
N MET A 217 -16.43 -5.81 13.66
CA MET A 217 -17.68 -6.53 13.47
C MET A 217 -17.64 -7.91 14.11
N LYS A 218 -16.49 -8.58 14.03
CA LYS A 218 -16.34 -9.89 14.63
C LYS A 218 -16.52 -9.80 16.14
N CYS A 219 -15.80 -8.85 16.75
CA CYS A 219 -15.85 -8.65 18.20
C CYS A 219 -17.25 -8.40 18.72
N LYS A 220 -18.09 -7.74 17.93
CA LYS A 220 -19.46 -7.44 18.34
C LYS A 220 -20.40 -8.58 17.99
N ASN A 221 -19.87 -9.62 17.35
CA ASN A 221 -20.68 -10.75 16.90
C ASN A 221 -21.87 -10.30 16.08
N VAL A 222 -21.64 -9.33 15.21
CA VAL A 222 -22.69 -8.78 14.36
C VAL A 222 -22.91 -9.60 13.09
N VAL A 223 -21.93 -10.42 12.73
CA VAL A 223 -22.07 -11.24 11.53
C VAL A 223 -21.82 -12.70 11.89
N PRO A 224 -22.61 -13.61 11.30
CA PRO A 224 -22.43 -15.04 11.59
C PRO A 224 -20.97 -15.45 11.58
N VAL A 225 -20.68 -16.51 12.34
CA VAL A 225 -19.34 -17.05 12.46
C VAL A 225 -18.93 -17.86 11.24
N TYR A 226 -17.92 -17.38 10.53
CA TYR A 226 -17.41 -18.04 9.33
C TYR A 226 -16.04 -18.65 9.58
N ASP A 227 -16.00 -19.96 9.75
CA ASP A 227 -14.77 -20.70 10.01
C ASP A 227 -13.52 -20.25 9.25
N LEU A 228 -13.49 -20.41 7.93
CA LEU A 228 -12.30 -20.02 7.17
C LEU A 228 -12.01 -18.53 7.26
N LEU A 229 -13.04 -17.71 7.11
CA LEU A 229 -12.89 -16.26 7.17
C LEU A 229 -12.41 -15.81 8.55
N LEU A 230 -12.95 -16.44 9.60
CA LEU A 230 -12.56 -16.11 10.97
C LEU A 230 -11.07 -16.37 11.15
N GLU A 231 -10.62 -17.50 10.62
CA GLU A 231 -9.23 -17.90 10.72
C GLU A 231 -8.30 -16.93 9.98
N MET A 232 -8.68 -16.56 8.76
CA MET A 232 -7.89 -15.64 7.96
C MET A 232 -7.83 -14.29 8.66
N LEU A 233 -8.93 -13.91 9.29
CA LEU A 233 -8.96 -12.61 9.94
C LEU A 233 -8.09 -12.57 11.20
N ASN A 234 -8.30 -13.59 12.06
CA ASN A 234 -7.56 -13.63 13.33
C ASN A 234 -6.05 -13.68 13.10
N ALA A 235 -5.63 -14.61 12.23
CA ALA A 235 -4.21 -14.82 12.00
C ALA A 235 -3.51 -13.54 11.53
N HIS A 236 -4.19 -12.83 10.60
CA HIS A 236 -3.55 -11.67 9.99
C HIS A 236 -3.08 -10.64 11.02
N VAL A 237 -3.99 -10.27 11.93
CA VAL A 237 -3.64 -9.24 12.92
C VAL A 237 -2.45 -9.67 13.79
N LEU A 238 -2.58 -10.88 14.37
CA LEU A 238 -1.52 -11.37 15.24
C LEU A 238 -0.17 -11.44 14.52
N LEU B 1 8.52 21.94 -18.38
CA LEU B 1 9.55 21.53 -17.37
C LEU B 1 10.02 20.10 -17.65
N SER B 2 11.19 19.97 -18.27
CA SER B 2 11.73 18.64 -18.60
C SER B 2 11.93 17.75 -17.37
N PRO B 3 12.08 16.43 -17.58
CA PRO B 3 12.29 15.49 -16.48
C PRO B 3 13.51 15.88 -15.65
N GLU B 4 14.60 16.23 -16.33
CA GLU B 4 15.82 16.62 -15.64
C GLU B 4 15.59 17.83 -14.75
N GLN B 5 14.89 18.82 -15.27
CA GLN B 5 14.61 20.01 -14.48
C GLN B 5 13.74 19.69 -13.27
N LEU B 6 12.81 18.75 -13.45
CA LEU B 6 11.96 18.37 -12.33
C LEU B 6 12.81 17.67 -11.29
N VAL B 7 13.64 16.73 -11.73
CA VAL B 7 14.53 16.00 -10.83
C VAL B 7 15.44 17.00 -10.12
N LEU B 8 16.00 17.92 -10.87
CA LEU B 8 16.89 18.94 -10.31
C LEU B 8 16.15 19.76 -9.27
N THR B 9 14.88 20.07 -9.55
CA THR B 9 14.06 20.83 -8.62
C THR B 9 13.81 20.06 -7.32
N LEU B 10 13.60 18.74 -7.44
CA LEU B 10 13.38 17.93 -6.24
C LEU B 10 14.65 17.86 -5.40
N LEU B 11 15.79 17.73 -6.08
CA LEU B 11 17.10 17.66 -5.42
C LEU B 11 17.31 18.89 -4.54
N GLU B 12 17.00 20.08 -5.08
CA GLU B 12 17.14 21.32 -4.33
C GLU B 12 16.14 21.39 -3.16
N ALA B 13 14.93 20.89 -3.38
CA ALA B 13 13.90 20.92 -2.36
C ALA B 13 14.08 19.92 -1.21
N GLU B 14 15.08 19.07 -1.33
CA GLU B 14 15.35 18.08 -0.29
C GLU B 14 15.50 18.81 1.05
N PRO B 15 14.68 18.48 2.06
CA PRO B 15 14.85 19.19 3.32
C PRO B 15 16.13 18.77 4.06
N PRO B 16 16.78 19.72 4.75
CA PRO B 16 17.99 19.37 5.49
C PRO B 16 17.60 18.40 6.60
N HIS B 17 18.54 17.59 7.08
CA HIS B 17 18.22 16.65 8.13
C HIS B 17 18.03 17.30 9.49
N VAL B 18 17.01 16.85 10.22
CA VAL B 18 16.73 17.38 11.54
C VAL B 18 17.68 16.69 12.50
N LEU B 19 18.34 17.47 13.34
CA LEU B 19 19.27 16.91 14.30
C LEU B 19 18.59 16.73 15.64
N ILE B 20 18.70 15.51 16.16
CA ILE B 20 18.14 15.17 17.44
C ILE B 20 19.12 14.18 18.04
N SER B 21 19.28 14.24 19.35
CA SER B 21 20.22 13.33 20.00
C SER B 21 19.56 12.26 20.84
N ARG B 22 20.25 11.13 20.93
CA ARG B 22 19.77 10.01 21.71
C ARG B 22 19.84 10.43 23.16
N PRO B 23 18.91 9.94 23.98
CA PRO B 23 18.98 10.34 25.38
C PRO B 23 20.22 9.73 26.04
N SER B 24 20.72 10.41 27.06
CA SER B 24 21.87 9.92 27.81
C SER B 24 22.12 8.48 28.19
N ALA B 25 21.09 7.83 28.73
CA ALA B 25 21.01 6.49 29.25
C ALA B 25 20.36 5.59 28.22
N PRO B 26 20.29 4.27 28.48
CA PRO B 26 19.54 3.37 27.61
C PRO B 26 18.09 3.83 27.50
N PHE B 27 17.51 3.66 26.32
CA PHE B 27 16.12 4.06 26.08
C PHE B 27 15.14 3.36 27.01
N THR B 28 14.04 4.06 27.29
CA THR B 28 12.97 3.50 28.08
C THR B 28 11.80 3.65 27.10
N GLU B 29 10.68 3.02 27.38
CA GLU B 29 9.53 3.12 26.48
C GLU B 29 9.20 4.58 26.24
N ALA B 30 9.14 5.36 27.32
CA ALA B 30 8.82 6.77 27.23
C ALA B 30 9.86 7.62 26.50
N SER B 31 11.14 7.41 26.78
CA SER B 31 12.20 8.19 26.13
C SER B 31 12.33 7.89 24.64
N MET B 32 12.00 6.67 24.24
CA MET B 32 12.11 6.35 22.83
C MET B 32 10.99 7.02 22.03
N MET B 33 9.79 7.03 22.60
CA MET B 33 8.63 7.63 21.93
C MET B 33 8.76 9.14 21.94
N MET B 34 9.37 9.68 22.98
CA MET B 34 9.54 11.12 23.05
C MET B 34 10.51 11.52 21.94
N SER B 35 11.53 10.70 21.75
CA SER B 35 12.53 10.96 20.72
C SER B 35 11.93 10.85 19.32
N LEU B 36 11.23 9.74 19.06
CA LEU B 36 10.62 9.53 17.75
C LEU B 36 9.58 10.59 17.42
N THR B 37 8.79 10.99 18.40
CA THR B 37 7.75 11.98 18.14
C THR B 37 8.31 13.38 18.01
N LYS B 38 9.34 13.70 18.79
CA LYS B 38 9.93 15.03 18.70
C LYS B 38 10.55 15.21 17.31
N LEU B 39 11.20 14.16 16.79
CA LEU B 39 11.82 14.21 15.47
C LEU B 39 10.76 14.35 14.37
N ALA B 40 9.72 13.53 14.47
CA ALA B 40 8.62 13.54 13.51
C ALA B 40 7.96 14.91 13.47
N ASP B 41 7.78 15.51 14.64
CA ASP B 41 7.15 16.81 14.73
C ASP B 41 7.93 17.84 13.93
N LYS B 42 9.24 17.91 14.16
CA LYS B 42 10.10 18.85 13.44
C LYS B 42 10.23 18.54 11.95
N GLU B 43 10.28 17.26 11.58
CA GLU B 43 10.40 16.93 10.17
C GLU B 43 9.10 17.29 9.45
N LEU B 44 7.96 17.20 10.14
CA LEU B 44 6.68 17.55 9.52
C LEU B 44 6.67 19.00 9.06
N VAL B 45 7.24 19.89 9.87
CA VAL B 45 7.27 21.30 9.47
C VAL B 45 8.03 21.42 8.14
N HIS B 46 9.18 20.76 8.04
CA HIS B 46 9.99 20.82 6.81
C HIS B 46 9.31 20.12 5.66
N MET B 47 8.50 19.10 5.98
CA MET B 47 7.83 18.36 4.92
C MET B 47 6.85 19.26 4.19
N ILE B 48 6.21 20.15 4.93
CA ILE B 48 5.24 21.08 4.37
C ILE B 48 5.94 21.99 3.38
N SER B 49 7.10 22.50 3.76
CA SER B 49 7.85 23.38 2.89
C SER B 49 8.36 22.64 1.67
N TRP B 50 8.75 21.39 1.87
CA TRP B 50 9.24 20.56 0.79
C TRP B 50 8.12 20.39 -0.25
N ALA B 51 6.93 19.97 0.21
CA ALA B 51 5.78 19.75 -0.67
C ALA B 51 5.46 20.94 -1.56
N LYS B 52 5.55 22.15 -1.01
CA LYS B 52 5.26 23.37 -1.77
C LYS B 52 6.27 23.61 -2.89
N LYS B 53 7.42 22.94 -2.82
CA LYS B 53 8.46 23.08 -3.84
C LYS B 53 8.28 22.03 -4.94
N ILE B 54 7.32 21.14 -4.75
CA ILE B 54 7.06 20.13 -5.76
C ILE B 54 6.22 20.81 -6.84
N PRO B 55 6.73 20.83 -8.08
CA PRO B 55 6.06 21.46 -9.22
C PRO B 55 4.56 21.22 -9.34
N GLY B 56 3.80 22.29 -9.29
CA GLY B 56 2.35 22.17 -9.42
C GLY B 56 1.59 21.88 -8.14
N PHE B 57 2.30 21.51 -7.07
CA PHE B 57 1.61 21.22 -5.83
C PHE B 57 0.81 22.43 -5.34
N VAL B 58 1.42 23.61 -5.35
CA VAL B 58 0.72 24.80 -4.88
C VAL B 58 -0.43 25.17 -5.81
N GLU B 59 -0.44 24.59 -7.01
CA GLU B 59 -1.52 24.86 -7.95
C GLU B 59 -2.76 24.02 -7.67
N LEU B 60 -2.63 23.00 -6.82
CA LEU B 60 -3.76 22.17 -6.45
C LEU B 60 -4.61 23.00 -5.50
N SER B 61 -5.81 22.54 -5.17
CA SER B 61 -6.66 23.27 -4.24
C SER B 61 -6.16 23.01 -2.82
N LEU B 62 -6.30 24.01 -1.95
CA LEU B 62 -5.83 23.86 -0.59
C LEU B 62 -6.30 22.57 0.03
N PHE B 63 -7.58 22.26 -0.14
CA PHE B 63 -8.16 21.06 0.42
C PHE B 63 -7.46 19.80 -0.07
N ASP B 64 -7.05 19.78 -1.34
CA ASP B 64 -6.35 18.62 -1.89
C ASP B 64 -4.96 18.54 -1.27
N GLN B 65 -4.29 19.69 -1.16
CA GLN B 65 -2.96 19.74 -0.58
C GLN B 65 -3.03 19.14 0.83
N VAL B 66 -4.05 19.52 1.58
CA VAL B 66 -4.23 19.02 2.93
C VAL B 66 -4.49 17.52 2.95
N ARG B 67 -5.45 17.06 2.15
CA ARG B 67 -5.78 15.66 2.08
C ARG B 67 -4.56 14.82 1.74
N LEU B 68 -3.81 15.25 0.72
CA LEU B 68 -2.61 14.54 0.32
C LEU B 68 -1.60 14.45 1.46
N LEU B 69 -1.36 15.55 2.15
CA LEU B 69 -0.39 15.54 3.24
C LEU B 69 -0.85 14.72 4.45
N GLU B 70 -2.14 14.80 4.79
CA GLU B 70 -2.68 14.03 5.92
C GLU B 70 -2.64 12.53 5.63
N SER B 71 -2.71 12.19 4.35
CA SER B 71 -2.71 10.81 3.95
C SER B 71 -1.35 10.13 3.83
N CYS B 72 -0.33 10.89 3.45
CA CYS B 72 0.99 10.32 3.25
C CYS B 72 2.12 10.66 4.23
N TRP B 73 1.93 11.67 5.08
CA TRP B 73 3.03 12.08 5.95
C TRP B 73 3.89 10.99 6.57
N MET B 74 3.29 9.99 7.20
CA MET B 74 4.11 8.93 7.80
C MET B 74 4.89 8.14 6.77
N GLU B 75 4.32 7.93 5.58
CA GLU B 75 5.00 7.19 4.51
C GLU B 75 6.22 7.98 4.05
N VAL B 76 6.05 9.29 3.92
CA VAL B 76 7.14 10.14 3.50
C VAL B 76 8.23 10.13 4.57
N LEU B 77 7.83 10.29 5.83
CA LEU B 77 8.81 10.23 6.91
C LEU B 77 9.57 8.91 6.88
N MET B 78 8.86 7.80 6.69
CA MET B 78 9.52 6.50 6.68
C MET B 78 10.37 6.28 5.43
N MET B 79 9.95 6.83 4.29
CA MET B 79 10.73 6.67 3.07
C MET B 79 12.06 7.40 3.29
N GLY B 80 12.00 8.53 3.98
CA GLY B 80 13.21 9.28 4.26
C GLY B 80 14.11 8.51 5.21
N LEU B 81 13.48 7.89 6.23
CA LEU B 81 14.21 7.10 7.22
C LEU B 81 14.97 5.93 6.58
N MET B 82 14.31 5.24 5.65
CA MET B 82 14.94 4.09 4.98
C MET B 82 16.11 4.50 4.10
N TRP B 83 15.99 5.66 3.45
CA TRP B 83 17.04 6.17 2.59
C TRP B 83 18.28 6.51 3.40
N ARG B 84 18.06 7.13 4.56
CA ARG B 84 19.15 7.50 5.45
C ARG B 84 19.81 6.25 6.01
N SER B 85 19.06 5.16 6.03
CA SER B 85 19.56 3.89 6.56
C SER B 85 20.06 2.93 5.50
N ILE B 86 19.92 3.30 4.23
CA ILE B 86 20.33 2.45 3.12
C ILE B 86 21.73 1.83 3.26
N ASP B 87 22.71 2.62 3.66
CA ASP B 87 24.07 2.11 3.81
C ASP B 87 24.43 1.65 5.24
N HIS B 88 23.46 1.10 5.97
CA HIS B 88 23.70 0.61 7.33
C HIS B 88 22.76 -0.52 7.71
N PRO B 89 23.01 -1.73 7.19
CA PRO B 89 22.15 -2.87 7.50
C PRO B 89 21.96 -3.09 9.01
N GLY B 90 20.77 -3.58 9.38
CA GLY B 90 20.49 -3.83 10.79
C GLY B 90 20.33 -2.56 11.61
N LYS B 91 20.54 -1.41 10.96
CA LYS B 91 20.44 -0.11 11.64
C LYS B 91 19.38 0.83 11.03
N LEU B 92 18.81 1.71 11.86
CA LEU B 92 17.84 2.69 11.40
C LEU B 92 18.38 4.07 11.78
N ILE B 93 18.79 4.84 10.77
CA ILE B 93 19.34 6.16 11.03
C ILE B 93 18.25 7.22 11.08
N PHE B 94 17.63 7.37 12.24
CA PHE B 94 16.59 8.39 12.38
C PHE B 94 17.20 9.79 12.31
N ALA B 95 18.44 9.91 12.79
CA ALA B 95 19.18 11.17 12.78
C ALA B 95 20.64 10.86 13.03
N PRO B 96 21.55 11.78 12.65
CA PRO B 96 22.99 11.54 12.87
C PRO B 96 23.29 10.97 14.26
N ASP B 97 22.73 11.60 15.30
CA ASP B 97 22.97 11.16 16.66
C ASP B 97 21.82 10.33 17.23
N LEU B 98 21.06 9.68 16.36
CA LEU B 98 19.94 8.86 16.79
C LEU B 98 19.90 7.62 15.91
N VAL B 99 20.89 6.76 16.10
CA VAL B 99 20.98 5.54 15.32
C VAL B 99 20.43 4.41 16.18
N LEU B 100 19.28 3.87 15.79
CA LEU B 100 18.67 2.79 16.55
C LEU B 100 18.98 1.39 16.07
N ASP B 101 19.24 0.51 17.02
CA ASP B 101 19.54 -0.89 16.74
C ASP B 101 18.19 -1.60 16.76
N ARG B 102 18.02 -2.63 15.94
CA ARG B 102 16.77 -3.35 15.90
C ARG B 102 16.38 -3.81 17.31
N ASP B 103 17.38 -4.23 18.08
CA ASP B 103 17.15 -4.70 19.45
C ASP B 103 16.65 -3.63 20.41
N GLU B 104 16.90 -2.36 20.10
CA GLU B 104 16.44 -1.30 20.98
C GLU B 104 14.94 -1.14 20.80
N GLY B 105 14.42 -1.72 19.73
CA GLY B 105 12.99 -1.65 19.49
C GLY B 105 12.23 -2.57 20.42
N LYS B 106 12.93 -3.11 21.42
CA LYS B 106 12.34 -4.03 22.38
C LYS B 106 11.75 -3.29 23.58
N CYS B 107 12.16 -2.04 23.81
CA CYS B 107 11.65 -1.30 24.95
C CYS B 107 10.25 -0.70 24.72
N VAL B 108 9.80 -0.68 23.47
CA VAL B 108 8.48 -0.17 23.16
C VAL B 108 7.61 -1.29 22.63
N GLU B 109 6.52 -1.56 23.34
CA GLU B 109 5.59 -2.62 22.99
C GLU B 109 5.00 -2.49 21.59
N GLY B 110 5.32 -3.45 20.72
CA GLY B 110 4.78 -3.44 19.37
C GLY B 110 5.49 -2.68 18.28
N ILE B 111 6.50 -1.90 18.64
CA ILE B 111 7.21 -1.12 17.63
C ILE B 111 8.25 -1.98 16.93
N LEU B 112 8.68 -3.05 17.59
CA LEU B 112 9.67 -3.96 17.03
C LEU B 112 9.19 -4.49 15.69
N GLU B 113 7.89 -4.68 15.58
CA GLU B 113 7.29 -5.16 14.35
C GLU B 113 7.51 -4.10 13.27
N ILE B 114 7.31 -2.83 13.65
CA ILE B 114 7.47 -1.72 12.71
C ILE B 114 8.91 -1.67 12.20
N PHE B 115 9.86 -1.69 13.13
CA PHE B 115 11.26 -1.64 12.79
C PHE B 115 11.64 -2.73 11.81
N ASP B 116 11.01 -3.89 11.94
CA ASP B 116 11.32 -5.01 11.07
C ASP B 116 10.86 -4.84 9.63
N MET B 117 9.65 -4.37 9.41
CA MET B 117 9.23 -4.19 8.04
C MET B 117 9.98 -3.03 7.38
N LEU B 118 10.46 -2.09 8.21
CA LEU B 118 11.23 -0.96 7.71
C LEU B 118 12.63 -1.46 7.31
N LEU B 119 13.22 -2.28 8.17
CA LEU B 119 14.53 -2.83 7.90
C LEU B 119 14.49 -3.76 6.69
N ALA B 120 13.39 -4.52 6.58
CA ALA B 120 13.21 -5.44 5.48
C ALA B 120 13.13 -4.66 4.17
N THR B 121 12.30 -3.61 4.15
CA THR B 121 12.14 -2.79 2.97
C THR B 121 13.44 -2.10 2.60
N THR B 122 14.16 -1.62 3.61
CA THR B 122 15.42 -0.95 3.40
C THR B 122 16.40 -1.91 2.73
N SER B 123 16.42 -3.15 3.20
CA SER B 123 17.30 -4.18 2.66
C SER B 123 16.99 -4.39 1.20
N ARG B 124 15.71 -4.27 0.86
CA ARG B 124 15.27 -4.44 -0.51
C ARG B 124 15.80 -3.28 -1.36
N PHE B 125 15.62 -2.05 -0.87
CA PHE B 125 16.11 -0.90 -1.61
C PHE B 125 17.63 -1.00 -1.75
N ARG B 126 18.27 -1.60 -0.75
CA ARG B 126 19.71 -1.79 -0.77
C ARG B 126 20.05 -2.83 -1.83
N GLU B 127 19.26 -3.91 -1.88
CA GLU B 127 19.46 -4.98 -2.87
C GLU B 127 19.46 -4.38 -4.28
N LEU B 128 18.45 -3.54 -4.53
CA LEU B 128 18.27 -2.90 -5.83
C LEU B 128 19.24 -1.74 -6.05
N LYS B 129 19.95 -1.37 -5.00
CA LYS B 129 20.90 -0.28 -5.11
C LYS B 129 20.19 1.01 -5.52
N LEU B 130 19.11 1.33 -4.82
CA LEU B 130 18.35 2.55 -5.09
C LEU B 130 19.32 3.72 -5.20
N GLN B 131 19.08 4.60 -6.16
CA GLN B 131 19.95 5.76 -6.36
C GLN B 131 19.29 7.04 -5.84
N HIS B 132 20.11 8.04 -5.52
CA HIS B 132 19.61 9.31 -4.99
C HIS B 132 18.48 9.91 -5.81
N LYS B 133 18.70 10.07 -7.12
CA LYS B 133 17.67 10.65 -7.99
C LYS B 133 16.42 9.79 -8.04
N GLU B 134 16.59 8.47 -7.97
CA GLU B 134 15.46 7.56 -8.00
C GLU B 134 14.64 7.83 -6.76
N TYR B 135 15.34 7.86 -5.64
CA TYR B 135 14.74 8.11 -4.34
C TYR B 135 13.95 9.42 -4.35
N LEU B 136 14.52 10.49 -4.90
CA LEU B 136 13.81 11.78 -4.94
C LEU B 136 12.47 11.67 -5.66
N CYS B 137 12.48 10.98 -6.80
CA CYS B 137 11.24 10.81 -7.57
C CYS B 137 10.22 10.01 -6.79
N VAL B 138 10.66 8.87 -6.25
CA VAL B 138 9.79 7.99 -5.47
C VAL B 138 9.14 8.67 -4.29
N LYS B 139 9.89 9.47 -3.54
CA LYS B 139 9.30 10.13 -2.38
C LYS B 139 8.22 11.11 -2.83
N ALA B 140 8.46 11.82 -3.93
CA ALA B 140 7.50 12.77 -4.45
C ALA B 140 6.27 12.02 -4.95
N MET B 141 6.50 10.85 -5.57
CA MET B 141 5.40 10.05 -6.07
C MET B 141 4.49 9.60 -4.92
N ILE B 142 5.09 9.22 -3.79
CA ILE B 142 4.32 8.81 -2.62
C ILE B 142 3.33 9.90 -2.22
N LEU B 143 3.79 11.14 -2.18
CA LEU B 143 2.93 12.28 -1.83
C LEU B 143 1.79 12.47 -2.82
N LEU B 144 2.12 12.50 -4.10
CA LEU B 144 1.15 12.72 -5.17
C LEU B 144 0.23 11.53 -5.47
N ASN B 145 0.63 10.34 -5.03
CA ASN B 145 -0.15 9.12 -5.26
C ASN B 145 -1.04 8.78 -4.08
N SER B 146 -0.92 9.56 -3.00
CA SER B 146 -1.71 9.31 -1.80
C SER B 146 -3.14 9.82 -1.90
N ALA B 147 -3.68 9.80 -3.11
CA ALA B 147 -5.05 10.24 -3.37
C ALA B 147 -6.03 9.38 -2.57
N MET B 148 -5.66 9.16 -1.31
CA MET B 148 -6.45 8.38 -0.37
C MET B 148 -7.24 9.37 0.48
N ASP B 159 -10.43 22.82 -11.26
CA ASP B 159 -10.28 21.39 -11.09
C ASP B 159 -8.82 21.00 -10.82
N SER B 160 -8.61 20.21 -9.75
CA SER B 160 -7.26 19.80 -9.41
C SER B 160 -7.05 18.30 -9.67
N SER B 161 -8.06 17.50 -9.25
CA SER B 161 -7.96 16.07 -9.45
C SER B 161 -7.23 15.73 -10.75
N ARG B 162 -7.60 16.43 -11.82
CA ARG B 162 -7.00 16.21 -13.13
C ARG B 162 -5.58 16.73 -13.09
N LYS B 163 -5.41 17.88 -12.45
CA LYS B 163 -4.11 18.52 -12.31
C LYS B 163 -3.18 17.63 -11.48
N LEU B 164 -3.77 16.85 -10.57
CA LEU B 164 -3.00 15.94 -9.71
C LEU B 164 -2.45 14.80 -10.56
N ALA B 165 -3.31 14.21 -11.37
CA ALA B 165 -2.92 13.11 -12.24
C ALA B 165 -1.76 13.55 -13.14
N HIS B 166 -1.84 14.77 -13.66
CA HIS B 166 -0.79 15.26 -14.53
C HIS B 166 0.51 15.44 -13.79
N LEU B 167 0.42 15.83 -12.52
CA LEU B 167 1.60 16.04 -11.70
C LEU B 167 2.29 14.73 -11.35
N LEU B 168 1.50 13.67 -11.20
CA LEU B 168 2.04 12.36 -10.87
C LEU B 168 2.72 11.75 -12.08
N ASN B 169 2.15 11.99 -13.25
CA ASN B 169 2.72 11.48 -14.49
C ASN B 169 4.01 12.24 -14.81
N ALA B 170 4.11 13.48 -14.36
CA ALA B 170 5.31 14.26 -14.61
C ALA B 170 6.46 13.67 -13.79
N VAL B 171 6.18 13.36 -12.53
CA VAL B 171 7.17 12.78 -11.64
C VAL B 171 7.50 11.35 -12.09
N THR B 172 6.49 10.63 -12.59
CA THR B 172 6.70 9.27 -13.09
C THR B 172 7.63 9.35 -14.30
N ASP B 173 7.39 10.33 -15.18
CA ASP B 173 8.24 10.48 -16.37
C ASP B 173 9.67 10.74 -15.93
N ALA B 174 9.82 11.55 -14.88
CA ALA B 174 11.14 11.87 -14.36
C ALA B 174 11.82 10.58 -13.88
N LEU B 175 11.13 9.77 -13.09
CA LEU B 175 11.72 8.53 -12.60
C LEU B 175 12.14 7.67 -13.81
N VAL B 176 11.24 7.54 -14.78
CA VAL B 176 11.55 6.76 -15.98
C VAL B 176 12.84 7.28 -16.61
N TRP B 177 12.95 8.61 -16.69
CA TRP B 177 14.13 9.28 -17.25
C TRP B 177 15.41 8.97 -16.47
N VAL B 178 15.30 8.95 -15.15
CA VAL B 178 16.46 8.65 -14.30
C VAL B 178 16.96 7.24 -14.55
N ILE B 179 16.04 6.27 -14.55
CA ILE B 179 16.40 4.88 -14.78
C ILE B 179 17.04 4.69 -16.17
N ALA B 180 16.52 5.42 -17.16
CA ALA B 180 17.06 5.34 -18.51
C ALA B 180 18.51 5.82 -18.55
N LYS B 181 18.83 6.80 -17.71
CA LYS B 181 20.19 7.33 -17.69
C LYS B 181 21.20 6.37 -17.06
N SER B 182 20.71 5.29 -16.46
CA SER B 182 21.60 4.30 -15.84
C SER B 182 22.31 3.48 -16.93
N GLY B 183 21.67 3.37 -18.10
CA GLY B 183 22.26 2.63 -19.19
C GLY B 183 21.85 1.18 -19.40
N ILE B 184 21.00 0.64 -18.53
CA ILE B 184 20.59 -0.75 -18.69
C ILE B 184 19.63 -0.91 -19.86
N SER B 185 19.50 -2.13 -20.36
CA SER B 185 18.63 -2.40 -21.50
C SER B 185 17.22 -1.89 -21.22
N SER B 186 16.44 -1.75 -22.29
CA SER B 186 15.06 -1.27 -22.18
C SER B 186 14.20 -2.20 -21.32
N GLN B 187 14.40 -3.50 -21.43
CA GLN B 187 13.64 -4.48 -20.64
C GLN B 187 14.00 -4.38 -19.18
N GLN B 188 15.28 -4.17 -18.91
CA GLN B 188 15.74 -4.05 -17.53
C GLN B 188 15.25 -2.77 -16.88
N GLN B 189 15.04 -1.73 -17.69
CA GLN B 189 14.53 -0.47 -17.18
C GLN B 189 13.09 -0.73 -16.71
N SER B 190 12.34 -1.44 -17.54
CA SER B 190 10.95 -1.74 -17.19
C SER B 190 10.91 -2.56 -15.92
N MET B 191 11.78 -3.55 -15.84
CA MET B 191 11.84 -4.43 -14.68
C MET B 191 12.24 -3.66 -13.42
N ARG B 192 13.19 -2.73 -13.57
CA ARG B 192 13.62 -1.95 -12.41
C ARG B 192 12.51 -1.02 -11.96
N LEU B 193 11.82 -0.40 -12.92
CA LEU B 193 10.73 0.51 -12.56
C LEU B 193 9.70 -0.26 -11.75
N ALA B 194 9.45 -1.50 -12.16
CA ALA B 194 8.48 -2.37 -11.48
C ALA B 194 8.93 -2.75 -10.08
N ASN B 195 10.18 -3.19 -9.95
CA ASN B 195 10.72 -3.59 -8.65
C ASN B 195 10.71 -2.44 -7.67
N LEU B 196 11.03 -1.24 -8.13
CA LEU B 196 11.02 -0.10 -7.25
C LEU B 196 9.59 0.22 -6.77
N LEU B 197 8.64 0.30 -7.70
CA LEU B 197 7.27 0.65 -7.34
C LEU B 197 6.48 -0.40 -6.57
N MET B 198 6.89 -1.66 -6.67
CA MET B 198 6.21 -2.71 -5.94
C MET B 198 6.46 -2.53 -4.46
N LEU B 199 7.45 -1.71 -4.12
CA LEU B 199 7.77 -1.49 -2.72
C LEU B 199 6.90 -0.41 -2.06
N LEU B 200 6.22 0.38 -2.86
CA LEU B 200 5.38 1.42 -2.29
C LEU B 200 4.28 0.82 -1.42
N SER B 201 3.78 -0.35 -1.80
CA SER B 201 2.74 -1.04 -1.04
C SER B 201 3.25 -1.33 0.36
N HIS B 202 4.53 -1.69 0.43
CA HIS B 202 5.17 -2.01 1.70
C HIS B 202 5.31 -0.78 2.56
N VAL B 203 5.59 0.36 1.92
CA VAL B 203 5.72 1.62 2.63
C VAL B 203 4.36 2.02 3.17
N ARG B 204 3.31 1.83 2.36
CA ARG B 204 1.96 2.19 2.79
C ARG B 204 1.51 1.36 3.98
N HIS B 205 1.92 0.09 3.98
CA HIS B 205 1.55 -0.82 5.06
C HIS B 205 2.30 -0.46 6.34
N ALA B 206 3.56 -0.06 6.20
CA ALA B 206 4.35 0.31 7.35
C ALA B 206 3.78 1.60 7.94
N SER B 207 3.37 2.51 7.09
CA SER B 207 2.78 3.76 7.56
C SER B 207 1.55 3.49 8.41
N ASN B 208 0.69 2.59 7.92
CA ASN B 208 -0.53 2.21 8.60
C ASN B 208 -0.24 1.67 10.01
N LYS B 209 0.70 0.74 10.11
CA LYS B 209 1.06 0.19 11.41
C LYS B 209 1.64 1.29 12.29
N GLY B 210 2.43 2.17 11.68
CA GLY B 210 3.02 3.25 12.43
C GLY B 210 1.99 4.20 13.01
N MET B 211 1.01 4.59 12.21
CA MET B 211 -0.01 5.50 12.71
C MET B 211 -0.95 4.84 13.71
N GLU B 212 -1.22 3.56 13.51
CA GLU B 212 -2.08 2.85 14.46
C GLU B 212 -1.31 2.77 15.78
N HIS B 213 -0.02 2.49 15.69
CA HIS B 213 0.84 2.38 16.85
C HIS B 213 0.94 3.68 17.65
N LEU B 214 1.25 4.77 16.95
CA LEU B 214 1.38 6.07 17.59
C LEU B 214 0.07 6.48 18.27
N LEU B 215 -1.04 6.27 17.58
CA LEU B 215 -2.34 6.62 18.14
C LEU B 215 -2.51 5.84 19.44
N ASN B 216 -2.07 4.59 19.43
CA ASN B 216 -2.17 3.76 20.61
C ASN B 216 -1.30 4.27 21.75
N MET B 217 -0.07 4.65 21.44
CA MET B 217 0.84 5.16 22.46
C MET B 217 0.28 6.43 23.06
N LYS B 218 -0.44 7.21 22.24
CA LYS B 218 -1.04 8.44 22.72
C LYS B 218 -2.20 8.14 23.68
N CYS B 219 -3.06 7.18 23.30
CA CYS B 219 -4.19 6.81 24.15
C CYS B 219 -3.67 6.18 25.44
N LYS B 220 -2.53 5.52 25.35
CA LYS B 220 -1.91 4.87 26.49
C LYS B 220 -1.24 5.91 27.41
N ASN B 221 -1.10 7.13 26.91
CA ASN B 221 -0.45 8.19 27.67
C ASN B 221 1.04 7.92 27.81
N VAL B 222 1.57 7.08 26.94
CA VAL B 222 2.99 6.72 26.95
C VAL B 222 3.86 7.88 26.47
N VAL B 223 3.30 8.74 25.63
CA VAL B 223 4.02 9.90 25.11
C VAL B 223 3.01 10.95 24.71
N PRO B 224 3.35 12.23 24.91
CA PRO B 224 2.38 13.26 24.53
C PRO B 224 2.40 13.47 23.01
N VAL B 225 1.23 13.77 22.45
CA VAL B 225 1.09 13.99 21.02
C VAL B 225 0.13 15.15 20.81
N TYR B 226 0.66 16.29 20.38
CA TYR B 226 -0.31 17.36 20.34
C TYR B 226 0.10 18.19 19.11
N ASP B 227 -0.59 19.32 19.00
CA ASP B 227 -0.32 20.16 17.84
C ASP B 227 -0.27 19.59 16.42
N LEU B 228 0.79 19.99 15.67
CA LEU B 228 0.85 19.53 14.30
C LEU B 228 0.90 18.01 14.11
N LEU B 229 1.76 17.33 14.85
CA LEU B 229 1.79 15.86 14.86
C LEU B 229 0.40 15.28 15.12
N LEU B 230 -0.33 15.88 16.05
CA LEU B 230 -1.66 15.39 16.36
C LEU B 230 -2.64 15.60 15.21
N GLU B 231 -2.69 16.83 14.69
CA GLU B 231 -3.55 17.15 13.56
C GLU B 231 -3.36 16.14 12.43
N MET B 232 -2.09 15.86 12.13
CA MET B 232 -1.75 14.90 11.08
C MET B 232 -2.29 13.54 11.45
N LEU B 233 -2.01 13.13 12.68
CA LEU B 233 -2.47 11.85 13.19
C LEU B 233 -3.98 11.68 12.99
N ASN B 234 -4.76 12.58 13.57
CA ASN B 234 -6.23 12.52 13.44
C ASN B 234 -6.67 12.63 11.99
N ALA B 235 -5.87 13.33 11.21
CA ALA B 235 -6.11 13.54 9.79
C ALA B 235 -7.52 14.06 9.49
N HIS B 236 -7.91 15.03 10.34
CA HIS B 236 -9.29 15.64 10.03
C HIS B 236 -9.54 17.15 10.11
N VAL B 237 -8.46 17.88 9.74
CA VAL B 237 -8.58 19.32 9.81
C VAL B 237 -9.52 19.61 8.63
N LEU B 238 -9.62 18.51 7.88
CA LEU B 238 -10.50 18.35 6.72
C LEU B 238 -10.05 17.08 5.99
N SER C 1 0.99 -18.38 11.20
CA SER C 1 0.00 -18.85 12.21
C SER C 1 -0.86 -19.99 11.64
N GLY C 2 -0.64 -21.21 12.12
CA GLY C 2 -1.48 -22.27 11.35
C GLY C 2 -3.03 -22.48 11.87
N SER C 3 -3.24 -23.72 12.33
CA SER C 3 -4.19 -24.49 12.86
C SER C 3 -4.49 -24.53 11.51
N HIS C 4 -5.53 -25.39 11.54
CA HIS C 4 -5.89 -26.05 10.30
C HIS C 4 -6.72 -25.85 9.02
N LYS C 5 -7.68 -24.94 9.04
CA LYS C 5 -8.52 -24.70 7.86
C LYS C 5 -7.72 -24.27 6.62
N LEU C 6 -6.93 -23.21 6.76
CA LEU C 6 -6.11 -22.74 5.64
C LEU C 6 -5.11 -23.83 5.23
N VAL C 7 -4.49 -24.47 6.21
CA VAL C 7 -3.52 -25.51 5.96
C VAL C 7 -4.09 -26.76 5.29
N GLN C 8 -5.23 -27.25 5.78
CA GLN C 8 -5.78 -28.45 5.15
C GLN C 8 -6.19 -28.21 3.69
N LEU C 9 -6.58 -26.99 3.36
CA LEU C 9 -6.97 -26.67 2.00
C LEU C 9 -5.70 -26.56 1.14
N LEU C 10 -4.59 -26.17 1.76
CA LEU C 10 -3.33 -26.06 1.05
C LEU C 10 -2.70 -27.42 0.79
N THR C 11 -3.16 -28.43 1.51
CA THR C 11 -2.60 -29.78 1.37
C THR C 11 -3.60 -30.85 0.90
N THR C 12 -4.63 -30.43 0.18
CA THR C 12 -5.65 -31.33 -0.35
C THR C 12 -6.23 -30.77 -1.64
N THR C 13 -6.85 -31.62 -2.44
CA THR C 13 -7.45 -31.20 -3.71
C THR C 13 -8.92 -31.65 -3.80
N SER D 1 -11.05 24.04 15.26
CA SER D 1 -10.12 23.04 14.63
C SER D 1 -10.53 22.73 13.20
N GLY D 2 -9.54 22.75 12.30
CA GLY D 2 -9.79 22.49 10.89
C GLY D 2 -9.11 23.57 10.06
N SER D 3 -8.38 24.45 10.74
CA SER D 3 -7.70 25.56 10.09
C SER D 3 -6.61 25.92 11.11
N HIS D 4 -5.99 24.83 11.61
CA HIS D 4 -5.11 25.91 12.05
C HIS D 4 -3.69 25.57 11.49
N LYS D 5 -2.99 24.59 12.10
CA LYS D 5 -1.52 24.52 11.92
C LYS D 5 -0.85 23.90 10.67
N LEU D 6 -1.40 22.77 10.26
CA LEU D 6 -1.18 22.33 8.89
C LEU D 6 -1.58 23.40 7.90
N VAL D 7 -2.77 23.94 8.06
CA VAL D 7 -3.26 24.98 7.15
C VAL D 7 -2.40 26.24 7.24
N GLN D 8 -1.99 26.59 8.44
CA GLN D 8 -1.16 27.76 8.64
C GLN D 8 0.16 27.61 7.90
N LEU D 9 0.82 26.47 8.08
CA LEU D 9 2.10 26.24 7.42
C LEU D 9 1.95 26.19 5.91
N LEU D 10 0.80 25.72 5.45
CA LEU D 10 0.55 25.61 4.02
C LEU D 10 0.25 26.93 3.34
N THR D 11 -0.40 27.85 4.05
CA THR D 11 -0.76 29.13 3.45
C THR D 11 -0.18 30.37 4.11
N THR D 12 0.28 30.22 5.35
CA THR D 12 0.83 31.34 6.12
C THR D 12 2.33 31.53 6.00
N THR D 13 3.07 30.44 5.87
CA THR D 13 4.52 30.53 5.76
C THR D 13 4.95 30.42 4.30
#